data_4MGD
#
_entry.id   4MGD
#
_cell.length_a   54.900
_cell.length_b   81.880
_cell.length_c   58.590
_cell.angle_alpha   90.00
_cell.angle_beta   110.54
_cell.angle_gamma   90.00
#
_symmetry.space_group_name_H-M   'P 1 21 1'
#
loop_
_entity.id
_entity.type
_entity.pdbx_description
1 polymer 'Estrogen receptor'
2 polymer 'Estrogen receptor'
3 polymer 'Nuclear receptor coactivator 1'
4 non-polymer "4,4'-(2,2,2-trichloroethane-1,1-diyl)diphenol"
5 non-polymer GLYCEROL
6 non-polymer 1,2-ETHANEDIOL
7 water water
#
loop_
_entity_poly.entity_id
_entity_poly.type
_entity_poly.pdbx_seq_one_letter_code
_entity_poly.pdbx_strand_id
1 'polypeptide(L)'
;GSHMKKNSLALSLTADQMVSALLDAEPPILYSEYDPTRPFSEASMMGLLTNLADRELVHMINWAKRVPGFVDLTLHDQVH
LLE(CSO)AWLEILMIGLVWRSMEHPGKLLFAPNLLLDRNQGKCVEGMVEIFDMLLATSSRFRMMNLQGEEFVCLKSIIL
LNSGVYTFLSSTLKSLEEKDHIHRVLDKITDTLIHLMAKAGLTLQQQHQRLAQLLLILSHIRHMSNKGMEHLYSMKCKNV
VPLSDLLLEMLDAHRLHAP
;
A
2 'polypeptide(L)'
;GSHMKKNSLALSLTADQMVSALLDAEPPILYSEYDPTRPFSEASMMGLLTNLADRELVHMINWAKRVPGFVDLTLHDQVH
LLE(CSO)AWLEILMIGLVWRSMEHPGKLLFAPNLLLDRNQGKCVEGMVEIFDMLLATSSRFRMMNLQGEEFVCLKSIIL
LNSGVYTFLSSTLKSLEEKDHIHRVLDKITDTLIHLMAKAGLTLQQQHQRLAQLLLILSHIRHMSNKGMEHLYSMK
(CSO)KNVVPLSDLLLEMLDAHRLHAP
;
B
3 'polypeptide(L)' RHKILHRLLQEGS F,G
#
# COMPACT_ATOMS: atom_id res chain seq x y z
N SER A 8 -24.50 -6.93 15.91
CA SER A 8 -23.30 -7.45 15.27
C SER A 8 -22.59 -8.49 16.14
N LEU A 9 -22.51 -9.71 15.62
CA LEU A 9 -21.80 -10.78 16.31
C LEU A 9 -20.30 -10.54 16.25
N ALA A 10 -19.85 -9.86 15.20
CA ALA A 10 -18.44 -9.66 14.93
C ALA A 10 -17.73 -8.91 16.06
N LEU A 11 -18.32 -7.81 16.50
CA LEU A 11 -17.69 -6.95 17.49
C LEU A 11 -17.73 -7.57 18.89
N SER A 12 -18.36 -8.72 19.01
CA SER A 12 -18.53 -9.37 20.32
C SER A 12 -17.60 -10.56 20.49
N LEU A 13 -16.78 -10.83 19.48
CA LEU A 13 -15.89 -11.98 19.51
C LEU A 13 -14.65 -11.73 20.37
N THR A 14 -14.17 -12.78 21.03
CA THR A 14 -12.90 -12.72 21.73
C THR A 14 -11.78 -13.01 20.74
N ALA A 15 -10.55 -12.67 21.12
CA ALA A 15 -9.41 -12.87 20.25
C ALA A 15 -9.30 -14.33 19.81
N ASP A 16 -9.55 -15.25 20.73
CA ASP A 16 -9.46 -16.67 20.43
C ASP A 16 -10.58 -17.10 19.48
N GLN A 17 -11.78 -16.55 19.70
CA GLN A 17 -12.91 -16.86 18.84
C GLN A 17 -12.69 -16.31 17.43
N MET A 18 -12.08 -15.13 17.34
CA MET A 18 -11.78 -14.50 16.06
C MET A 18 -10.80 -15.35 15.26
N VAL A 19 -9.74 -15.82 15.92
CA VAL A 19 -8.77 -16.71 15.28
C VAL A 19 -9.46 -17.98 14.80
N SER A 20 -10.24 -18.60 15.67
CA SER A 20 -10.96 -19.81 15.32
CA SER A 20 -10.99 -19.81 15.33
C SER A 20 -11.90 -19.59 14.14
N ALA A 21 -12.63 -18.48 14.16
CA ALA A 21 -13.54 -18.16 13.07
C ALA A 21 -12.81 -18.02 11.73
N LEU A 22 -11.66 -17.35 11.76
CA LEU A 22 -10.87 -17.13 10.55
C LEU A 22 -10.25 -18.41 10.03
N LEU A 23 -9.74 -19.25 10.92
CA LEU A 23 -9.16 -20.52 10.51
C LEU A 23 -10.21 -21.44 9.89
N ASP A 24 -11.42 -21.41 10.46
CA ASP A 24 -12.49 -22.27 9.99
C ASP A 24 -12.97 -21.87 8.60
N ALA A 25 -12.76 -20.60 8.27
CA ALA A 25 -13.26 -20.05 7.02
C ALA A 25 -12.25 -20.17 5.87
N GLU A 26 -11.05 -20.65 6.16
CA GLU A 26 -10.01 -20.78 5.15
C GLU A 26 -10.48 -21.57 3.93
N PRO A 27 -10.26 -21.02 2.73
CA PRO A 27 -10.61 -21.72 1.49
C PRO A 27 -9.68 -22.91 1.26
N PRO A 28 -10.03 -23.79 0.31
CA PRO A 28 -9.19 -24.95 0.05
C PRO A 28 -8.07 -24.63 -0.92
N ILE A 29 -7.05 -25.47 -0.94
CA ILE A 29 -5.99 -25.32 -1.93
C ILE A 29 -6.37 -26.08 -3.19
N LEU A 30 -6.53 -25.36 -4.29
CA LEU A 30 -7.01 -25.94 -5.53
C LEU A 30 -5.87 -26.45 -6.41
N TYR A 31 -6.22 -27.32 -7.37
CA TYR A 31 -5.24 -27.85 -8.32
C TYR A 31 -5.32 -27.12 -9.65
N SER A 32 -4.23 -27.10 -10.38
CA SER A 32 -4.22 -26.54 -11.73
C SER A 32 -4.32 -27.67 -12.75
N GLU A 33 -4.38 -27.30 -14.03
CA GLU A 33 -4.44 -28.29 -15.10
C GLU A 33 -3.05 -28.58 -15.65
N TYR A 34 -2.03 -28.19 -14.90
CA TYR A 34 -0.65 -28.36 -15.34
C TYR A 34 -0.29 -29.83 -15.59
N ASP A 35 0.44 -30.06 -16.67
CA ASP A 35 0.89 -31.40 -17.06
C ASP A 35 2.36 -31.32 -17.45
N PRO A 36 3.24 -31.89 -16.61
CA PRO A 36 4.68 -31.79 -16.81
C PRO A 36 5.15 -32.37 -18.14
N THR A 37 4.31 -33.21 -18.75
CA THR A 37 4.68 -33.86 -20.01
C THR A 37 4.25 -33.01 -21.21
N ARG A 38 3.36 -32.07 -20.97
CA ARG A 38 2.83 -31.21 -22.03
C ARG A 38 3.69 -29.97 -22.21
N PRO A 39 3.97 -29.57 -23.47
CA PRO A 39 4.72 -28.35 -23.71
C PRO A 39 3.85 -27.13 -23.44
N PHE A 40 4.45 -26.08 -22.90
CA PHE A 40 3.70 -24.88 -22.57
C PHE A 40 4.32 -23.64 -23.21
N SER A 41 3.47 -22.78 -23.74
CA SER A 41 3.91 -21.47 -24.21
C SER A 41 3.73 -20.49 -23.07
N GLU A 42 4.22 -19.27 -23.25
CA GLU A 42 3.97 -18.23 -22.28
C GLU A 42 2.46 -18.07 -22.16
N ALA A 43 1.77 -18.23 -23.29
CA ALA A 43 0.32 -18.04 -23.36
C ALA A 43 -0.45 -19.10 -22.58
N SER A 44 -0.08 -20.36 -22.75
CA SER A 44 -0.81 -21.45 -22.10
C SER A 44 -0.51 -21.50 -20.60
N MET A 45 0.73 -21.16 -20.24
CA MET A 45 1.11 -21.06 -18.83
C MET A 45 0.24 -20.01 -18.13
N MET A 46 0.01 -18.89 -18.82
CA MET A 46 -0.83 -17.82 -18.28
C MET A 46 -2.29 -18.22 -18.35
N GLY A 47 -2.61 -19.15 -19.25
CA GLY A 47 -3.95 -19.68 -19.34
C GLY A 47 -4.26 -20.55 -18.13
N LEU A 48 -3.24 -21.30 -17.70
CA LEU A 48 -3.36 -22.15 -16.52
C LEU A 48 -3.60 -21.32 -15.26
N LEU A 49 -2.81 -20.26 -15.11
CA LEU A 49 -2.89 -19.42 -13.94
C LEU A 49 -4.20 -18.65 -13.90
N THR A 50 -4.64 -18.21 -15.08
CA THR A 50 -5.92 -17.51 -15.21
C THR A 50 -7.06 -18.44 -14.81
N ASN A 51 -7.00 -19.68 -15.29
CA ASN A 51 -8.01 -20.68 -14.95
C ASN A 51 -8.08 -20.90 -13.45
N LEU A 52 -6.91 -21.04 -12.84
CA LEU A 52 -6.79 -21.27 -11.39
C LEU A 52 -7.37 -20.09 -10.61
N ALA A 53 -6.92 -18.89 -10.97
CA ALA A 53 -7.38 -17.69 -10.30
C ALA A 53 -8.90 -17.59 -10.35
N ASP A 54 -9.48 -17.85 -11.51
CA ASP A 54 -10.93 -17.80 -11.67
C ASP A 54 -11.65 -18.73 -10.69
N ARG A 55 -11.13 -19.95 -10.55
CA ARG A 55 -11.72 -20.90 -9.62
C ARG A 55 -11.52 -20.46 -8.16
N GLU A 56 -10.35 -19.91 -7.86
CA GLU A 56 -10.06 -19.41 -6.52
C GLU A 56 -10.99 -18.27 -6.14
N LEU A 57 -11.32 -17.43 -7.12
CA LEU A 57 -12.20 -16.29 -6.88
C LEU A 57 -13.53 -16.71 -6.31
N VAL A 58 -14.08 -17.81 -6.83
CA VAL A 58 -15.37 -18.29 -6.35
C VAL A 58 -15.28 -18.66 -4.88
N HIS A 59 -14.22 -19.36 -4.51
CA HIS A 59 -14.01 -19.74 -3.11
C HIS A 59 -13.76 -18.51 -2.24
N MET A 60 -13.06 -17.52 -2.81
CA MET A 60 -12.78 -16.29 -2.07
C MET A 60 -14.08 -15.59 -1.70
N ILE A 61 -15.00 -15.49 -2.66
CA ILE A 61 -16.26 -14.81 -2.43
C ILE A 61 -17.00 -15.45 -1.26
N ASN A 62 -17.01 -16.78 -1.23
CA ASN A 62 -17.69 -17.48 -0.15
C ASN A 62 -16.91 -17.43 1.16
N TRP A 63 -15.59 -17.29 1.07
CA TRP A 63 -14.77 -17.03 2.25
C TRP A 63 -15.04 -15.66 2.87
N ALA A 64 -15.18 -14.65 2.02
CA ALA A 64 -15.40 -13.29 2.50
C ALA A 64 -16.66 -13.22 3.36
N LYS A 65 -17.70 -13.94 2.95
CA LYS A 65 -18.95 -13.99 3.69
C LYS A 65 -18.77 -14.48 5.13
N ARG A 66 -17.69 -15.21 5.37
CA ARG A 66 -17.45 -15.79 6.69
C ARG A 66 -16.48 -14.96 7.54
N VAL A 67 -15.98 -13.87 6.97
CA VAL A 67 -15.14 -12.95 7.73
C VAL A 67 -16.05 -12.10 8.60
N PRO A 68 -15.85 -12.14 9.93
CA PRO A 68 -16.71 -11.39 10.84
C PRO A 68 -16.89 -9.94 10.41
N GLY A 69 -18.15 -9.49 10.37
CA GLY A 69 -18.46 -8.12 10.02
C GLY A 69 -18.83 -7.94 8.56
N PHE A 70 -18.25 -8.77 7.70
CA PHE A 70 -18.37 -8.53 6.26
C PHE A 70 -19.81 -8.54 5.74
N VAL A 71 -20.65 -9.44 6.25
CA VAL A 71 -22.02 -9.51 5.78
C VAL A 71 -22.95 -8.51 6.47
N ASP A 72 -22.39 -7.79 7.45
CA ASP A 72 -23.10 -6.68 8.06
C ASP A 72 -23.16 -5.49 7.11
N LEU A 73 -22.30 -5.53 6.09
CA LEU A 73 -22.21 -4.46 5.12
C LEU A 73 -23.28 -4.64 4.04
N THR A 74 -23.60 -3.54 3.34
CA THR A 74 -24.55 -3.63 2.24
C THR A 74 -23.93 -4.41 1.09
N LEU A 75 -24.76 -5.04 0.28
CA LEU A 75 -24.30 -5.78 -0.89
C LEU A 75 -23.36 -4.92 -1.72
N HIS A 76 -23.72 -3.65 -1.92
CA HIS A 76 -22.92 -2.73 -2.71
C HIS A 76 -21.53 -2.53 -2.09
N ASP A 77 -21.47 -2.45 -0.77
CA ASP A 77 -20.19 -2.28 -0.08
C ASP A 77 -19.35 -3.56 -0.11
N GLN A 78 -20.01 -4.71 0.00
CA GLN A 78 -19.31 -5.99 -0.13
C GLN A 78 -18.68 -6.09 -1.51
N VAL A 79 -19.47 -5.78 -2.54
CA VAL A 79 -19.00 -5.80 -3.91
C VAL A 79 -17.77 -4.92 -4.08
N HIS A 80 -17.81 -3.73 -3.50
CA HIS A 80 -16.71 -2.79 -3.62
C HIS A 80 -15.43 -3.33 -2.97
N LEU A 81 -15.53 -3.79 -1.73
CA LEU A 81 -14.35 -4.29 -1.02
C LEU A 81 -13.67 -5.41 -1.78
N LEU A 82 -14.46 -6.33 -2.32
CA LEU A 82 -13.92 -7.45 -3.08
C LEU A 82 -13.33 -7.01 -4.41
N GLU A 83 -13.97 -6.05 -5.07
CA GLU A 83 -13.43 -5.54 -6.32
C GLU A 83 -12.06 -4.91 -6.12
N ALA A 85 -9.97 -5.55 -3.40
CA ALA A 85 -9.00 -6.42 -2.74
C ALA A 85 -8.69 -7.77 -3.39
N TRP A 86 -9.42 -8.15 -4.44
CA TRP A 86 -9.32 -9.54 -4.92
C TRP A 86 -7.91 -10.02 -5.26
N LEU A 87 -7.15 -9.21 -5.99
CA LEU A 87 -5.82 -9.64 -6.41
C LEU A 87 -4.83 -9.66 -5.25
N GLU A 88 -4.93 -8.68 -4.36
CA GLU A 88 -4.12 -8.69 -3.13
C GLU A 88 -4.36 -9.97 -2.34
N ILE A 89 -5.63 -10.37 -2.27
CA ILE A 89 -5.98 -11.56 -1.49
C ILE A 89 -5.45 -12.83 -2.16
N LEU A 90 -5.60 -12.93 -3.48
CA LEU A 90 -5.03 -14.06 -4.20
C LEU A 90 -3.51 -14.10 -4.01
N MET A 91 -2.89 -12.93 -4.09
CA MET A 91 -1.43 -12.85 -3.99
C MET A 91 -0.89 -13.23 -2.61
N ILE A 92 -1.52 -12.73 -1.55
CA ILE A 92 -1.05 -13.08 -0.22
C ILE A 92 -1.25 -14.57 0.07
N GLY A 93 -2.31 -15.15 -0.48
CA GLY A 93 -2.54 -16.57 -0.37
C GLY A 93 -1.43 -17.37 -1.06
N LEU A 94 -1.08 -16.94 -2.27
CA LEU A 94 0.01 -17.54 -3.02
C LEU A 94 1.34 -17.44 -2.26
N VAL A 95 1.61 -16.26 -1.72
CA VAL A 95 2.84 -16.07 -0.95
C VAL A 95 2.88 -16.98 0.28
N TRP A 96 1.74 -17.10 0.96
CA TRP A 96 1.65 -17.99 2.12
C TRP A 96 1.93 -19.46 1.76
N ARG A 97 1.33 -19.92 0.67
CA ARG A 97 1.53 -21.30 0.20
C ARG A 97 2.97 -21.58 -0.18
N SER A 98 3.69 -20.53 -0.56
CA SER A 98 5.02 -20.68 -1.12
C SER A 98 6.12 -20.51 -0.07
N MET A 99 5.71 -20.12 1.14
CA MET A 99 6.65 -19.75 2.18
C MET A 99 7.73 -20.81 2.44
N GLU A 100 7.36 -22.08 2.31
CA GLU A 100 8.29 -23.17 2.60
C GLU A 100 8.95 -23.73 1.33
N HIS A 101 8.98 -22.93 0.28
CA HIS A 101 9.63 -23.32 -0.97
C HIS A 101 10.47 -22.18 -1.51
N PRO A 102 11.64 -21.97 -0.91
CA PRO A 102 12.54 -20.88 -1.31
C PRO A 102 12.75 -20.89 -2.82
N GLY A 103 12.63 -19.73 -3.44
CA GLY A 103 12.86 -19.59 -4.87
C GLY A 103 11.69 -20.00 -5.74
N LYS A 104 10.64 -20.53 -5.13
CA LYS A 104 9.51 -21.03 -5.91
C LYS A 104 8.17 -20.44 -5.47
N LEU A 105 7.24 -20.39 -6.41
CA LEU A 105 5.87 -20.00 -6.12
C LEU A 105 4.94 -21.19 -6.30
N LEU A 106 4.30 -21.61 -5.22
CA LEU A 106 3.39 -22.75 -5.26
C LEU A 106 1.99 -22.30 -5.64
N PHE A 107 1.76 -22.10 -6.94
CA PHE A 107 0.43 -21.75 -7.41
C PHE A 107 -0.55 -22.83 -7.05
N ALA A 108 -0.09 -24.08 -7.10
CA ALA A 108 -0.91 -25.23 -6.76
C ALA A 108 0.02 -26.38 -6.38
N PRO A 109 -0.50 -27.36 -5.63
CA PRO A 109 0.35 -28.48 -5.24
C PRO A 109 1.03 -29.13 -6.43
N ASN A 110 0.39 -29.07 -7.60
CA ASN A 110 0.94 -29.67 -8.81
C ASN A 110 1.56 -28.65 -9.76
N LEU A 111 1.75 -27.43 -9.28
CA LEU A 111 2.32 -26.36 -10.09
C LEU A 111 3.22 -25.47 -9.24
N LEU A 112 4.51 -25.82 -9.23
CA LEU A 112 5.51 -25.08 -8.46
C LEU A 112 6.48 -24.44 -9.44
N LEU A 113 6.49 -23.11 -9.51
CA LEU A 113 7.27 -22.40 -10.53
C LEU A 113 8.45 -21.62 -9.96
N ASP A 114 9.52 -21.51 -10.75
CA ASP A 114 10.60 -20.59 -10.46
C ASP A 114 10.53 -19.42 -11.44
N ARG A 115 11.37 -18.40 -11.24
CA ARG A 115 11.28 -17.19 -12.03
C ARG A 115 11.56 -17.43 -13.52
N ASN A 116 12.23 -18.53 -13.82
CA ASN A 116 12.53 -18.89 -15.20
C ASN A 116 11.26 -19.16 -16.00
N GLN A 117 10.22 -19.63 -15.31
CA GLN A 117 8.94 -19.88 -15.95
C GLN A 117 8.06 -18.63 -15.97
N GLY A 118 8.66 -17.48 -15.70
CA GLY A 118 7.96 -16.22 -15.80
C GLY A 118 7.88 -15.80 -17.25
N LYS A 119 8.85 -16.24 -18.05
CA LYS A 119 8.89 -15.95 -19.47
C LYS A 119 7.84 -16.78 -20.21
N GLU A 122 6.48 -13.25 -19.76
CA GLU A 122 6.52 -11.90 -20.32
C GLU A 122 6.89 -10.87 -19.26
N GLY A 123 6.00 -9.92 -19.03
CA GLY A 123 6.20 -8.90 -18.02
C GLY A 123 5.83 -9.42 -16.64
N MET A 124 5.39 -10.66 -16.59
CA MET A 124 4.99 -11.29 -15.34
C MET A 124 6.21 -11.54 -14.47
N VAL A 125 7.39 -11.51 -15.08
CA VAL A 125 8.63 -11.83 -14.40
C VAL A 125 8.93 -10.86 -13.25
N GLU A 126 8.66 -9.58 -13.44
CA GLU A 126 8.86 -8.59 -12.38
C GLU A 126 7.95 -8.89 -11.19
N ILE A 127 6.71 -9.28 -11.49
CA ILE A 127 5.74 -9.61 -10.46
C ILE A 127 6.15 -10.87 -9.70
N PHE A 128 6.54 -11.91 -10.41
CA PHE A 128 7.06 -13.11 -9.77
C PHE A 128 8.15 -12.76 -8.76
N ASP A 129 9.10 -11.93 -9.18
CA ASP A 129 10.20 -11.52 -8.30
C ASP A 129 9.74 -10.84 -7.02
N MET A 130 8.73 -9.97 -7.13
CA MET A 130 8.17 -9.32 -5.96
C MET A 130 7.47 -10.33 -5.04
N LEU A 131 6.73 -11.26 -5.65
CA LEU A 131 6.05 -12.30 -4.87
C LEU A 131 7.06 -13.16 -4.12
N LEU A 132 8.13 -13.55 -4.82
CA LEU A 132 9.21 -14.33 -4.21
C LEU A 132 9.86 -13.60 -3.05
N ALA A 133 10.06 -12.29 -3.22
CA ALA A 133 10.66 -11.48 -2.17
C ALA A 133 9.75 -11.41 -0.95
N THR A 134 8.44 -11.34 -1.19
CA THR A 134 7.46 -11.30 -0.11
C THR A 134 7.48 -12.62 0.66
N SER A 135 7.56 -13.72 -0.08
CA SER A 135 7.64 -15.03 0.56
CA SER A 135 7.63 -15.02 0.57
C SER A 135 8.90 -15.12 1.41
N SER A 136 10.02 -14.66 0.83
CA SER A 136 11.28 -14.63 1.55
C SER A 136 11.13 -13.83 2.83
N ARG A 137 10.39 -12.72 2.75
CA ARG A 137 10.13 -11.88 3.90
C ARG A 137 9.29 -12.60 4.95
N PHE A 138 8.26 -13.32 4.51
CA PHE A 138 7.42 -14.11 5.42
C PHE A 138 8.28 -15.14 6.15
N ARG A 139 9.22 -15.72 5.42
CA ARG A 139 10.13 -16.71 5.98
C ARG A 139 11.08 -16.07 6.99
N MET A 140 11.66 -14.92 6.63
CA MET A 140 12.53 -14.18 7.54
C MET A 140 11.84 -13.93 8.87
N MET A 141 10.54 -13.62 8.80
CA MET A 141 9.76 -13.27 9.97
C MET A 141 9.18 -14.48 10.68
N ASN A 142 9.23 -15.64 10.02
CA ASN A 142 8.56 -16.83 10.54
C ASN A 142 7.08 -16.55 10.78
N LEU A 143 6.41 -16.05 9.74
CA LEU A 143 4.98 -15.76 9.82
C LEU A 143 4.16 -16.98 10.21
N GLN A 144 3.29 -16.80 11.22
CA GLN A 144 2.44 -17.89 11.69
C GLN A 144 1.11 -17.91 10.97
N GLY A 145 0.49 -19.09 10.89
CA GLY A 145 -0.79 -19.24 10.22
C GLY A 145 -1.87 -18.37 10.82
N GLU A 146 -1.83 -18.23 12.14
CA GLU A 146 -2.81 -17.41 12.85
C GLU A 146 -2.68 -15.94 12.46
N GLU A 147 -1.44 -15.51 12.23
CA GLU A 147 -1.16 -14.14 11.82
C GLU A 147 -1.55 -13.92 10.36
N PHE A 148 -1.33 -14.94 9.55
CA PHE A 148 -1.69 -14.90 8.14
C PHE A 148 -3.18 -14.67 7.92
N VAL A 149 -4.02 -15.41 8.63
CA VAL A 149 -5.47 -15.27 8.44
C VAL A 149 -5.95 -13.88 8.87
N CYS A 150 -5.32 -13.33 9.91
CA CYS A 150 -5.65 -11.97 10.33
C CYS A 150 -5.31 -10.98 9.23
N LEU A 151 -4.09 -11.08 8.70
CA LEU A 151 -3.64 -10.18 7.64
C LEU A 151 -4.56 -10.23 6.42
N LYS A 152 -5.00 -11.43 6.06
CA LYS A 152 -5.82 -11.59 4.87
C LYS A 152 -7.15 -10.87 5.06
N SER A 153 -7.73 -10.99 6.25
CA SER A 153 -8.99 -10.32 6.54
C SER A 153 -8.82 -8.80 6.62
N ILE A 154 -7.67 -8.36 7.13
CA ILE A 154 -7.35 -6.94 7.13
C ILE A 154 -7.36 -6.36 5.72
N ILE A 155 -6.78 -7.09 4.77
CA ILE A 155 -6.76 -6.65 3.38
C ILE A 155 -8.18 -6.47 2.82
N LEU A 156 -9.02 -7.48 3.03
CA LEU A 156 -10.40 -7.44 2.54
C LEU A 156 -11.13 -6.20 3.02
N LEU A 157 -10.96 -5.88 4.30
CA LEU A 157 -11.72 -4.81 4.93
C LEU A 157 -11.09 -3.44 4.69
N ASN A 158 -9.77 -3.38 4.58
CA ASN A 158 -9.06 -2.10 4.53
C ASN A 158 -8.87 -1.51 3.13
N SER A 159 -8.67 -2.38 2.15
CA SER A 159 -8.19 -1.93 0.85
C SER A 159 -9.14 -0.97 0.12
N GLY A 160 -10.44 -1.20 0.26
CA GLY A 160 -11.41 -0.37 -0.42
C GLY A 160 -12.09 0.65 0.47
N VAL A 161 -11.73 0.65 1.75
CA VAL A 161 -12.46 1.46 2.73
C VAL A 161 -12.42 2.98 2.47
N TYR A 162 -11.41 3.46 1.75
CA TYR A 162 -11.31 4.90 1.50
C TYR A 162 -11.67 5.32 0.07
N THR A 163 -12.23 4.40 -0.70
CA THR A 163 -12.62 4.72 -2.07
C THR A 163 -14.11 4.48 -2.30
N PHE A 164 -14.88 4.41 -1.21
CA PHE A 164 -16.32 4.20 -1.32
C PHE A 164 -16.99 5.32 -2.12
N SER A 167 -21.18 9.82 -0.25
CA SER A 167 -22.60 9.73 -0.59
C SER A 167 -23.46 10.48 0.42
N THR A 168 -23.58 9.91 1.62
CA THR A 168 -24.37 10.52 2.68
C THR A 168 -23.65 10.40 4.02
N LEU A 169 -24.15 11.10 5.03
CA LEU A 169 -23.60 10.98 6.38
C LEU A 169 -23.91 9.58 6.91
N LYS A 170 -25.02 9.02 6.44
CA LYS A 170 -25.40 7.66 6.81
C LYS A 170 -24.41 6.65 6.24
N SER A 171 -24.07 6.81 4.96
CA SER A 171 -23.14 5.92 4.29
C SER A 171 -21.76 5.95 4.94
N LEU A 172 -21.56 6.87 5.87
CA LEU A 172 -20.31 6.95 6.63
C LEU A 172 -20.33 5.98 7.80
N GLU A 173 -21.53 5.63 8.27
CA GLU A 173 -21.67 4.66 9.34
C GLU A 173 -21.14 3.30 8.90
N GLU A 174 -21.37 2.98 7.64
CA GLU A 174 -20.85 1.73 7.07
C GLU A 174 -19.34 1.68 7.21
N LYS A 175 -18.69 2.81 6.94
CA LYS A 175 -17.24 2.89 7.05
C LYS A 175 -16.81 2.78 8.52
N ASP A 176 -17.67 3.26 9.41
CA ASP A 176 -17.37 3.26 10.84
C ASP A 176 -17.34 1.83 11.40
N HIS A 177 -18.25 1.00 10.92
CA HIS A 177 -18.30 -0.38 11.36
C HIS A 177 -17.02 -1.13 10.98
N ILE A 178 -16.56 -0.92 9.76
CA ILE A 178 -15.35 -1.57 9.27
C ILE A 178 -14.14 -1.26 10.15
N HIS A 179 -13.98 0.01 10.52
CA HIS A 179 -12.87 0.41 11.37
C HIS A 179 -12.91 -0.29 12.71
N ARG A 180 -14.11 -0.54 13.22
CA ARG A 180 -14.26 -1.25 14.50
C ARG A 180 -13.82 -2.71 14.38
N VAL A 181 -14.17 -3.33 13.27
CA VAL A 181 -13.75 -4.71 13.03
C VAL A 181 -12.24 -4.78 12.85
N LEU A 182 -11.70 -3.83 12.08
CA LEU A 182 -10.26 -3.75 11.87
C LEU A 182 -9.51 -3.64 13.20
N ASP A 183 -10.02 -2.81 14.12
CA ASP A 183 -9.41 -2.67 15.43
C ASP A 183 -9.43 -4.01 16.18
N LYS A 184 -10.52 -4.76 16.03
CA LYS A 184 -10.64 -6.07 16.66
C LYS A 184 -9.58 -7.03 16.15
N ILE A 185 -9.29 -6.96 14.85
CA ILE A 185 -8.28 -7.84 14.27
C ILE A 185 -6.88 -7.43 14.74
N THR A 186 -6.66 -6.14 14.92
CA THR A 186 -5.42 -5.67 15.50
C THR A 186 -5.26 -6.26 16.90
N ASP A 187 -6.32 -6.17 17.69
CA ASP A 187 -6.32 -6.73 19.03
C ASP A 187 -5.95 -8.20 18.99
N THR A 188 -6.51 -8.91 18.02
CA THR A 188 -6.27 -10.34 17.87
C THR A 188 -4.79 -10.62 17.57
N LEU A 189 -4.21 -9.84 16.65
CA LEU A 189 -2.79 -9.98 16.34
C LEU A 189 -1.92 -9.78 17.58
N ILE A 190 -2.22 -8.75 18.35
CA ILE A 190 -1.45 -8.46 19.55
C ILE A 190 -1.58 -9.61 20.55
N HIS A 191 -2.81 -10.10 20.70
CA HIS A 191 -3.12 -11.24 21.56
C HIS A 191 -2.27 -12.45 21.22
N LEU A 192 -2.15 -12.75 19.92
CA LEU A 192 -1.35 -13.88 19.46
C LEU A 192 0.13 -13.70 19.81
N MET A 193 0.67 -12.52 19.57
CA MET A 193 2.08 -12.26 19.85
C MET A 193 2.36 -12.31 21.34
N ALA A 194 1.42 -11.82 22.13
CA ALA A 194 1.56 -11.86 23.59
C ALA A 194 1.66 -13.30 24.05
N LYS A 195 0.82 -14.16 23.48
CA LYS A 195 0.84 -15.59 23.79
C LYS A 195 2.15 -16.24 23.38
N ALA A 196 2.75 -15.77 22.29
CA ALA A 196 3.98 -16.35 21.79
C ALA A 196 5.21 -15.90 22.57
N GLY A 197 4.99 -15.16 23.67
CA GLY A 197 6.06 -14.79 24.57
C GLY A 197 6.81 -13.52 24.21
N LEU A 198 6.30 -12.77 23.24
CA LEU A 198 6.93 -11.53 22.84
C LEU A 198 6.78 -10.43 23.89
N THR A 199 7.85 -9.65 24.08
CA THR A 199 7.77 -8.48 24.95
C THR A 199 6.89 -7.43 24.30
N LEU A 200 6.45 -6.45 25.09
CA LEU A 200 5.59 -5.39 24.57
C LEU A 200 6.25 -4.66 23.41
N GLN A 201 7.54 -4.37 23.53
CA GLN A 201 8.27 -3.70 22.47
C GLN A 201 8.28 -4.57 21.22
N GLN A 202 8.53 -5.86 21.41
CA GLN A 202 8.52 -6.82 20.32
C GLN A 202 7.15 -6.96 19.65
N GLN A 203 6.09 -6.87 20.45
CA GLN A 203 4.75 -6.98 19.91
C GLN A 203 4.47 -5.83 18.95
N HIS A 204 4.82 -4.62 19.37
CA HIS A 204 4.57 -3.44 18.55
C HIS A 204 5.43 -3.44 17.30
N GLN A 205 6.69 -3.87 17.45
CA GLN A 205 7.58 -3.95 16.31
C GLN A 205 7.06 -4.94 15.26
N ARG A 206 6.63 -6.11 15.73
CA ARG A 206 6.16 -7.16 14.82
C ARG A 206 4.86 -6.77 14.14
N LEU A 207 3.98 -6.11 14.89
CA LEU A 207 2.72 -5.63 14.32
C LEU A 207 3.00 -4.66 13.18
N ALA A 208 3.95 -3.76 13.39
CA ALA A 208 4.32 -2.81 12.35
C ALA A 208 4.90 -3.54 11.15
N GLN A 209 5.80 -4.48 11.41
CA GLN A 209 6.42 -5.27 10.35
C GLN A 209 5.38 -5.94 9.47
N LEU A 210 4.39 -6.56 10.12
CA LEU A 210 3.32 -7.27 9.42
C LEU A 210 2.46 -6.33 8.58
N LEU A 211 2.11 -5.19 9.14
CA LEU A 211 1.27 -4.24 8.43
C LEU A 211 1.99 -3.53 7.29
N LEU A 212 3.28 -3.31 7.43
CA LEU A 212 4.07 -2.72 6.35
C LEU A 212 4.12 -3.63 5.13
N ILE A 213 4.03 -4.94 5.34
CA ILE A 213 3.97 -5.88 4.23
C ILE A 213 2.75 -5.61 3.34
N LEU A 214 1.66 -5.13 3.94
CA LEU A 214 0.43 -4.86 3.19
C LEU A 214 0.59 -3.75 2.15
N SER A 215 1.54 -2.85 2.40
CA SER A 215 1.88 -1.83 1.42
C SER A 215 2.51 -2.46 0.18
N HIS A 216 3.39 -3.42 0.40
CA HIS A 216 4.05 -4.12 -0.70
CA HIS A 216 4.05 -4.11 -0.70
C HIS A 216 3.06 -4.98 -1.47
N ILE A 217 2.13 -5.59 -0.75
CA ILE A 217 1.09 -6.40 -1.41
C ILE A 217 0.19 -5.51 -2.27
N ARG A 218 -0.12 -4.31 -1.79
CA ARG A 218 -0.92 -3.38 -2.59
C ARG A 218 -0.18 -3.02 -3.86
N HIS A 219 1.12 -2.79 -3.74
CA HIS A 219 1.96 -2.45 -4.88
C HIS A 219 1.94 -3.57 -5.91
N MET A 220 2.11 -4.80 -5.45
CA MET A 220 2.11 -5.95 -6.36
C MET A 220 0.78 -6.09 -7.08
N SER A 221 -0.31 -5.87 -6.34
CA SER A 221 -1.64 -5.97 -6.92
C SER A 221 -1.81 -4.92 -8.02
N ASN A 222 -1.35 -3.70 -7.75
CA ASN A 222 -1.46 -2.64 -8.74
C ASN A 222 -0.68 -2.97 -10.01
N LYS A 223 0.52 -3.51 -9.85
CA LYS A 223 1.35 -3.86 -11.00
C LYS A 223 0.75 -5.04 -11.76
N GLY A 224 0.22 -6.02 -11.02
CA GLY A 224 -0.44 -7.16 -11.62
C GLY A 224 -1.68 -6.73 -12.39
N MET A 225 -2.44 -5.79 -11.82
CA MET A 225 -3.66 -5.32 -12.46
C MET A 225 -3.36 -4.70 -13.81
N GLU A 226 -2.21 -4.05 -13.92
CA GLU A 226 -1.80 -3.43 -15.18
C GLU A 226 -1.37 -4.48 -16.20
N HIS A 227 -0.65 -5.50 -15.75
CA HIS A 227 -0.25 -6.58 -16.64
C HIS A 227 -1.48 -7.33 -17.16
N LEU A 228 -2.45 -7.54 -16.28
CA LEU A 228 -3.68 -8.21 -16.65
C LEU A 228 -4.44 -7.42 -17.71
N TYR A 229 -4.45 -6.10 -17.57
CA TYR A 229 -5.10 -5.24 -18.54
C TYR A 229 -4.43 -5.34 -19.91
N SER A 230 -3.09 -5.33 -19.92
CA SER A 230 -2.35 -5.48 -21.17
C SER A 230 -2.62 -6.83 -21.83
N MET A 231 -2.79 -7.86 -21.01
CA MET A 231 -3.10 -9.20 -21.52
C MET A 231 -4.43 -9.20 -22.23
N LYS A 232 -5.42 -8.55 -21.63
CA LYS A 232 -6.75 -8.45 -22.20
C LYS A 232 -6.67 -7.85 -23.60
N CYS A 233 -5.90 -6.77 -23.72
CA CYS A 233 -5.79 -6.05 -24.98
C CYS A 233 -5.04 -6.84 -26.05
N LYS A 234 -3.97 -7.51 -25.64
CA LYS A 234 -3.23 -8.39 -26.56
C LYS A 234 -4.17 -9.46 -27.09
N ASN A 235 -5.14 -9.85 -26.26
CA ASN A 235 -6.19 -10.78 -26.66
C ASN A 235 -5.68 -12.14 -27.14
N VAL A 236 -4.64 -12.66 -26.48
CA VAL A 236 -4.14 -13.98 -26.80
C VAL A 236 -4.50 -14.97 -25.68
N VAL A 237 -4.38 -14.50 -24.45
CA VAL A 237 -4.75 -15.29 -23.28
C VAL A 237 -6.16 -14.95 -22.83
N PRO A 238 -7.09 -15.90 -23.02
CA PRO A 238 -8.51 -15.67 -22.69
C PRO A 238 -8.74 -15.53 -21.18
N LEU A 239 -9.26 -14.38 -20.77
CA LEU A 239 -9.62 -14.16 -19.39
C LEU A 239 -11.07 -14.58 -19.17
N SER A 240 -11.35 -15.15 -18.00
CA SER A 240 -12.70 -15.57 -17.65
C SER A 240 -13.61 -14.36 -17.47
N ASP A 241 -14.92 -14.58 -17.51
CA ASP A 241 -15.88 -13.50 -17.41
C ASP A 241 -15.84 -12.77 -16.06
N LEU A 242 -15.70 -13.54 -14.98
CA LEU A 242 -15.63 -12.94 -13.65
C LEU A 242 -14.35 -12.10 -13.53
N LEU A 243 -13.26 -12.65 -14.04
CA LEU A 243 -11.97 -11.97 -13.98
C LEU A 243 -12.03 -10.65 -14.76
N LEU A 244 -12.67 -10.69 -15.92
CA LEU A 244 -12.81 -9.49 -16.75
C LEU A 244 -13.63 -8.41 -16.04
N GLU A 245 -14.67 -8.82 -15.33
CA GLU A 245 -15.49 -7.86 -14.61
C GLU A 245 -14.77 -7.27 -13.39
N MET A 246 -13.96 -8.10 -12.74
CA MET A 246 -13.16 -7.63 -11.61
C MET A 246 -12.10 -6.65 -12.09
N LEU A 247 -11.48 -6.99 -13.21
CA LEU A 247 -10.44 -6.14 -13.80
C LEU A 247 -11.03 -4.79 -14.18
N ASP A 248 -12.19 -4.81 -14.82
CA ASP A 248 -12.84 -3.59 -15.28
C ASP A 248 -13.27 -2.70 -14.13
N ALA A 249 -13.45 -3.30 -12.96
CA ALA A 249 -13.82 -2.55 -11.77
C ALA A 249 -12.73 -1.53 -11.41
N HIS A 250 -11.51 -1.80 -11.86
CA HIS A 250 -10.37 -0.93 -11.57
C HIS A 250 -10.19 0.16 -12.63
N ARG A 251 -10.89 0.01 -13.74
CA ARG A 251 -10.86 0.99 -14.84
C ARG A 251 -9.46 1.49 -15.14
N LEU A 252 -8.62 0.64 -15.72
CA LEU A 252 -7.26 1.01 -16.04
C LEU A 252 -7.18 1.79 -17.34
N LYS B 6 30.84 0.37 10.62
CA LYS B 6 29.69 -0.38 10.17
C LYS B 6 28.42 0.01 10.92
N ASN B 7 28.53 0.16 12.24
CA ASN B 7 27.38 0.50 13.06
C ASN B 7 26.81 1.89 12.77
N SER B 8 25.49 1.96 12.62
CA SER B 8 24.80 3.21 12.32
C SER B 8 24.49 4.01 13.58
N LEU B 9 24.72 5.32 13.53
CA LEU B 9 24.43 6.18 14.66
C LEU B 9 22.94 6.23 14.95
N ALA B 10 22.13 5.99 13.92
CA ALA B 10 20.68 6.08 14.03
C ALA B 10 20.11 5.22 15.16
N LEU B 11 20.69 4.03 15.34
CA LEU B 11 20.16 3.08 16.31
C LEU B 11 20.46 3.50 17.75
N SER B 12 21.45 4.35 17.92
CA SER B 12 21.85 4.80 19.27
C SER B 12 21.08 6.02 19.75
N LEU B 13 20.28 6.62 18.88
CA LEU B 13 19.48 7.78 19.26
C LEU B 13 18.35 7.35 20.20
N THR B 14 17.87 8.29 21.01
CA THR B 14 16.71 8.06 21.84
C THR B 14 15.46 8.44 21.07
N ALA B 15 14.30 8.07 21.59
CA ALA B 15 13.04 8.42 20.94
C ALA B 15 12.96 9.92 20.71
N ASP B 16 13.27 10.70 21.75
CA ASP B 16 13.25 12.16 21.63
C ASP B 16 14.25 12.67 20.61
N GLN B 17 15.45 12.09 20.60
CA GLN B 17 16.46 12.48 19.63
C GLN B 17 15.99 12.20 18.21
N MET B 18 15.34 11.05 18.04
CA MET B 18 14.76 10.68 16.75
C MET B 18 13.72 11.70 16.30
N VAL B 19 12.80 12.01 17.19
CA VAL B 19 11.75 12.97 16.88
C VAL B 19 12.32 14.33 16.49
N SER B 20 13.30 14.81 17.26
CA SER B 20 13.89 16.13 17.01
CA SER B 20 13.89 16.13 17.01
C SER B 20 14.65 16.17 15.70
N ALA B 21 15.37 15.08 15.39
CA ALA B 21 16.11 14.99 14.15
C ALA B 21 15.16 15.06 12.95
N LEU B 22 14.06 14.31 13.02
CA LEU B 22 13.08 14.27 11.93
C LEU B 22 12.35 15.60 11.82
N LEU B 23 12.03 16.22 12.94
CA LEU B 23 11.37 17.52 12.93
C LEU B 23 12.29 18.56 12.29
N ASP B 24 13.58 18.47 12.61
CA ASP B 24 14.56 19.44 12.14
C ASP B 24 14.84 19.26 10.64
N ALA B 25 14.66 18.03 10.16
CA ALA B 25 14.94 17.71 8.76
C ALA B 25 13.81 18.17 7.82
N GLU B 26 12.67 18.54 8.39
CA GLU B 26 11.51 18.89 7.59
C GLU B 26 11.83 19.91 6.50
N PRO B 27 11.38 19.64 5.27
CA PRO B 27 11.54 20.61 4.19
C PRO B 27 10.55 21.76 4.33
N PRO B 28 10.81 22.87 3.63
CA PRO B 28 9.94 24.06 3.68
C PRO B 28 8.69 23.89 2.83
N ILE B 29 7.65 24.65 3.16
CA ILE B 29 6.46 24.73 2.30
C ILE B 29 6.73 25.73 1.18
N LEU B 30 6.67 25.26 -0.06
CA LEU B 30 6.99 26.07 -1.21
C LEU B 30 5.75 26.74 -1.77
N TYR B 31 5.95 27.79 -2.56
CA TYR B 31 4.86 28.50 -3.22
C TYR B 31 4.80 28.17 -4.70
N SER B 32 3.63 28.35 -5.28
CA SER B 32 3.45 28.25 -6.72
C SER B 32 3.63 29.63 -7.34
N GLU B 33 3.58 29.71 -8.67
CA GLU B 33 3.62 30.99 -9.37
C GLU B 33 2.52 31.92 -8.83
N TYR B 34 2.80 33.22 -8.82
CA TYR B 34 1.89 34.18 -8.20
C TYR B 34 0.74 34.68 -9.08
N ASP B 35 0.70 34.26 -10.33
CA ASP B 35 -0.40 34.65 -11.22
C ASP B 35 -1.75 34.24 -10.61
N PRO B 36 -2.70 35.18 -10.57
CA PRO B 36 -4.01 34.99 -9.92
C PRO B 36 -5.01 34.22 -10.76
N THR B 37 -4.59 33.76 -11.93
CA THR B 37 -5.49 33.02 -12.82
C THR B 37 -5.64 31.57 -12.36
N ARG B 38 -6.66 31.31 -11.55
CA ARG B 38 -6.98 29.95 -11.14
C ARG B 38 -6.96 29.02 -12.34
N PRO B 39 -6.01 28.06 -12.36
CA PRO B 39 -5.83 27.23 -13.55
C PRO B 39 -7.09 26.45 -13.90
N PHE B 40 -7.52 26.53 -15.14
CA PHE B 40 -8.69 25.78 -15.60
C PHE B 40 -8.35 24.92 -16.82
N SER B 41 -7.19 25.17 -17.41
CA SER B 41 -6.73 24.36 -18.53
C SER B 41 -5.93 23.17 -18.01
N GLU B 42 -5.85 22.10 -18.80
CA GLU B 42 -5.03 20.97 -18.42
C GLU B 42 -3.57 21.41 -18.44
N ALA B 43 -3.22 22.24 -19.41
CA ALA B 43 -1.86 22.72 -19.57
C ALA B 43 -1.36 23.53 -18.38
N SER B 44 -2.08 24.59 -18.03
CA SER B 44 -1.64 25.46 -16.93
C SER B 44 -1.74 24.73 -15.60
N MET B 45 -2.76 23.88 -15.47
CA MET B 45 -2.93 23.06 -14.28
C MET B 45 -1.71 22.20 -14.05
N MET B 46 -1.43 21.32 -15.00
CA MET B 46 -0.35 20.36 -14.86
C MET B 46 1.01 21.03 -14.94
N GLY B 47 1.05 22.21 -15.57
CA GLY B 47 2.27 22.98 -15.65
C GLY B 47 2.69 23.49 -14.27
N LEU B 48 1.72 24.00 -13.52
CA LEU B 48 1.98 24.52 -12.17
C LEU B 48 2.35 23.39 -11.21
N LEU B 49 1.64 22.28 -11.31
CA LEU B 49 1.87 21.15 -10.40
C LEU B 49 3.23 20.49 -10.67
N THR B 50 3.57 20.36 -11.94
CA THR B 50 4.85 19.79 -12.34
C THR B 50 6.00 20.68 -11.90
N ASN B 51 5.85 21.99 -12.07
CA ASN B 51 6.88 22.93 -11.62
C ASN B 51 7.08 22.82 -10.11
N LEU B 52 5.97 22.75 -9.38
CA LEU B 52 6.03 22.66 -7.93
C LEU B 52 6.64 21.34 -7.49
N ALA B 53 6.21 20.25 -8.11
CA ALA B 53 6.74 18.93 -7.78
C ALA B 53 8.24 18.88 -7.98
N ASP B 54 8.70 19.45 -9.08
CA ASP B 54 10.12 19.44 -9.41
C ASP B 54 10.94 20.14 -8.33
N ARG B 55 10.46 21.29 -7.86
CA ARG B 55 11.18 22.01 -6.81
C ARG B 55 11.12 21.26 -5.48
N GLU B 56 9.96 20.70 -5.17
CA GLU B 56 9.80 19.91 -3.95
C GLU B 56 10.74 18.71 -3.92
N LEU B 57 10.96 18.10 -5.08
CA LEU B 57 11.83 16.93 -5.17
C LEU B 57 13.26 17.24 -4.73
N VAL B 58 13.75 18.41 -5.12
CA VAL B 58 15.10 18.81 -4.73
C VAL B 58 15.21 18.89 -3.21
N HIS B 59 14.19 19.47 -2.58
CA HIS B 59 14.17 19.55 -1.12
C HIS B 59 14.03 18.17 -0.50
N MET B 60 13.24 17.31 -1.15
CA MET B 60 13.04 15.96 -0.64
C MET B 60 14.36 15.20 -0.59
N ILE B 61 15.17 15.36 -1.63
CA ILE B 61 16.45 14.64 -1.69
C ILE B 61 17.35 15.08 -0.56
N ASN B 62 17.32 16.36 -0.24
CA ASN B 62 18.11 16.85 0.87
C ASN B 62 17.50 16.51 2.23
N TRP B 63 16.18 16.41 2.27
CA TRP B 63 15.51 15.90 3.47
C TRP B 63 15.90 14.45 3.77
N ALA B 64 15.87 13.60 2.74
CA ALA B 64 16.16 12.18 2.94
C ALA B 64 17.54 11.97 3.56
N LYS B 65 18.51 12.75 3.11
CA LYS B 65 19.87 12.63 3.62
C LYS B 65 19.96 12.93 5.12
N ARG B 66 18.94 13.61 5.64
CA ARG B 66 18.90 13.96 7.05
C ARG B 66 18.03 12.99 7.88
N VAL B 67 17.44 12.00 7.23
CA VAL B 67 16.70 10.98 7.98
C VAL B 67 17.72 10.01 8.56
N PRO B 68 17.73 9.86 9.89
CA PRO B 68 18.73 8.99 10.52
C PRO B 68 18.78 7.59 9.91
N GLY B 69 19.97 7.17 9.51
CA GLY B 69 20.17 5.84 8.95
C GLY B 69 20.23 5.82 7.43
N PHE B 70 19.70 6.85 6.80
CA PHE B 70 19.64 6.90 5.34
C PHE B 70 21.02 7.00 4.71
N VAL B 71 21.85 7.91 5.20
CA VAL B 71 23.19 8.08 4.63
C VAL B 71 24.13 6.90 4.93
N ASP B 72 23.72 6.01 5.83
CA ASP B 72 24.51 4.82 6.11
C ASP B 72 24.42 3.81 4.96
N LEU B 73 23.39 3.96 4.15
CA LEU B 73 23.19 3.07 3.01
C LEU B 73 24.13 3.46 1.89
N THR B 74 24.45 2.51 1.01
CA THR B 74 25.22 2.83 -0.17
C THR B 74 24.43 3.81 -1.03
N LEU B 75 25.13 4.56 -1.89
CA LEU B 75 24.46 5.49 -2.78
C LEU B 75 23.38 4.76 -3.59
N HIS B 76 23.72 3.58 -4.10
CA HIS B 76 22.79 2.82 -4.92
C HIS B 76 21.51 2.47 -4.19
N ASP B 77 21.63 2.15 -2.91
CA ASP B 77 20.47 1.86 -2.08
C ASP B 77 19.65 3.12 -1.85
N GLN B 78 20.33 4.25 -1.65
CA GLN B 78 19.63 5.52 -1.47
C GLN B 78 18.83 5.87 -2.70
N VAL B 79 19.44 5.69 -3.87
CA VAL B 79 18.77 5.96 -5.13
C VAL B 79 17.53 5.08 -5.30
N HIS B 80 17.67 3.80 -4.99
CA HIS B 80 16.55 2.87 -5.10
C HIS B 80 15.37 3.29 -4.23
N LEU B 81 15.64 3.60 -2.97
CA LEU B 81 14.56 3.97 -2.04
C LEU B 81 13.79 5.21 -2.50
N LEU B 82 14.51 6.23 -2.95
CA LEU B 82 13.88 7.47 -3.38
C LEU B 82 13.11 7.30 -4.68
N GLU B 83 13.69 6.55 -5.61
CA GLU B 83 13.00 6.29 -6.86
C GLU B 83 11.66 5.60 -6.61
N ALA B 85 9.91 5.66 -3.66
CA ALA B 85 9.05 6.37 -2.71
C ALA B 85 8.68 7.81 -3.06
N TRP B 86 9.30 8.40 -4.07
CA TRP B 86 9.18 9.85 -4.24
C TRP B 86 7.73 10.36 -4.30
N LEU B 87 6.88 9.69 -5.07
CA LEU B 87 5.51 10.19 -5.23
C LEU B 87 4.67 9.98 -3.96
N GLU B 88 4.88 8.84 -3.31
CA GLU B 88 4.24 8.59 -2.02
C GLU B 88 4.58 9.70 -1.03
N ILE B 89 5.84 10.12 -1.03
CA ILE B 89 6.30 11.14 -0.10
C ILE B 89 5.70 12.51 -0.44
N LEU B 90 5.67 12.85 -1.72
CA LEU B 90 5.02 14.09 -2.14
C LEU B 90 3.55 14.09 -1.73
N MET B 91 2.89 12.95 -1.91
CA MET B 91 1.47 12.85 -1.60
C MET B 91 1.13 12.94 -0.12
N ILE B 92 1.86 12.22 0.72
CA ILE B 92 1.60 12.32 2.16
C ILE B 92 1.86 13.75 2.65
N GLY B 93 2.85 14.42 2.07
CA GLY B 93 3.11 15.80 2.42
C GLY B 93 1.94 16.70 2.05
N LEU B 94 1.44 16.54 0.83
CA LEU B 94 0.26 17.24 0.37
C LEU B 94 -0.93 17.01 1.30
N VAL B 95 -1.17 15.76 1.63
CA VAL B 95 -2.26 15.37 2.51
C VAL B 95 -2.13 16.04 3.86
N TRP B 96 -0.93 16.02 4.42
CA TRP B 96 -0.66 16.66 5.70
C TRP B 96 -0.96 18.17 5.65
N ARG B 97 -0.47 18.84 4.61
CA ARG B 97 -0.70 20.28 4.47
C ARG B 97 -2.18 20.61 4.33
N SER B 98 -2.94 19.66 3.77
CA SER B 98 -4.35 19.86 3.44
C SER B 98 -5.27 19.55 4.60
N MET B 99 -4.71 19.03 5.68
CA MET B 99 -5.50 18.46 6.78
C MET B 99 -6.48 19.44 7.41
N GLU B 100 -6.09 20.70 7.54
CA GLU B 100 -6.92 21.70 8.19
C GLU B 100 -7.81 22.44 7.19
N HIS B 101 -7.86 21.94 5.96
CA HIS B 101 -8.66 22.55 4.91
C HIS B 101 -9.58 21.53 4.27
N PRO B 102 -10.60 21.07 5.01
CA PRO B 102 -11.53 20.05 4.51
C PRO B 102 -12.05 20.38 3.12
N GLY B 103 -11.97 19.42 2.21
CA GLY B 103 -12.49 19.60 0.87
C GLY B 103 -11.51 20.24 -0.09
N LYS B 104 -10.36 20.66 0.44
CA LYS B 104 -9.35 21.34 -0.37
C LYS B 104 -8.02 20.61 -0.33
N LEU B 105 -7.26 20.73 -1.42
CA LEU B 105 -5.88 20.26 -1.45
C LEU B 105 -4.94 21.47 -1.50
N LEU B 106 -4.18 21.66 -0.44
CA LEU B 106 -3.25 22.77 -0.35
C LEU B 106 -1.91 22.41 -0.99
N PHE B 107 -1.85 22.48 -2.31
CA PHE B 107 -0.60 22.20 -3.01
C PHE B 107 0.46 23.21 -2.60
N ALA B 108 0.03 24.47 -2.46
CA ALA B 108 0.87 25.53 -1.89
C ALA B 108 -0.06 26.53 -1.21
N PRO B 109 0.49 27.38 -0.34
CA PRO B 109 -0.34 28.39 0.31
C PRO B 109 -1.13 29.19 -0.70
N ASN B 110 -0.56 29.43 -1.87
CA ASN B 110 -1.25 30.19 -2.91
C ASN B 110 -1.79 29.31 -4.03
N LEU B 111 -1.93 28.01 -3.74
CA LEU B 111 -2.52 27.08 -4.69
C LEU B 111 -3.36 26.05 -3.93
N LEU B 112 -4.60 26.42 -3.66
CA LEU B 112 -5.53 25.59 -2.90
C LEU B 112 -6.62 25.13 -3.85
N LEU B 113 -6.61 23.84 -4.19
CA LEU B 113 -7.52 23.33 -5.24
C LEU B 113 -8.61 22.42 -4.67
N ASP B 114 -9.71 22.28 -5.41
CA ASP B 114 -10.76 21.35 -5.03
C ASP B 114 -11.09 20.39 -6.19
N ARG B 115 -11.94 19.41 -5.93
CA ARG B 115 -12.16 18.33 -6.89
C ARG B 115 -12.65 18.82 -8.25
N ASN B 116 -13.42 19.91 -8.25
CA ASN B 116 -13.95 20.47 -9.49
C ASN B 116 -12.85 20.88 -10.46
N GLN B 117 -11.72 21.34 -9.91
CA GLN B 117 -10.60 21.76 -10.74
C GLN B 117 -9.82 20.55 -11.27
N GLY B 118 -9.97 19.42 -10.58
CA GLY B 118 -9.38 18.18 -11.05
C GLY B 118 -10.12 17.66 -12.27
N LYS B 119 -11.39 18.06 -12.39
CA LYS B 119 -12.25 17.61 -13.47
C LYS B 119 -11.72 18.02 -14.85
N CYS B 120 -10.92 19.07 -14.89
CA CYS B 120 -10.42 19.61 -16.16
CA CYS B 120 -10.42 19.61 -16.16
C CYS B 120 -9.26 18.78 -16.72
N VAL B 121 -8.56 18.07 -15.84
CA VAL B 121 -7.50 17.18 -16.28
C VAL B 121 -8.00 15.75 -16.29
N GLU B 122 -7.99 15.12 -17.47
CA GLU B 122 -8.48 13.76 -17.61
C GLU B 122 -7.76 12.79 -16.68
N GLY B 123 -8.52 12.16 -15.79
CA GLY B 123 -7.98 11.16 -14.90
C GLY B 123 -7.49 11.71 -13.57
N MET B 124 -7.59 13.02 -13.39
CA MET B 124 -7.08 13.65 -12.18
C MET B 124 -8.11 13.70 -11.05
N VAL B 125 -9.39 13.71 -11.41
CA VAL B 125 -10.43 13.82 -10.38
C VAL B 125 -10.42 12.60 -9.45
N GLU B 126 -10.09 11.43 -10.00
CA GLU B 126 -10.04 10.21 -9.21
C GLU B 126 -8.93 10.32 -8.18
N ILE B 127 -7.78 10.83 -8.61
CA ILE B 127 -6.64 11.01 -7.72
C ILE B 127 -6.93 12.08 -6.65
N PHE B 128 -7.55 13.18 -7.06
CA PHE B 128 -7.91 14.22 -6.10
C PHE B 128 -8.82 13.67 -5.01
N ASP B 129 -9.81 12.88 -5.41
CA ASP B 129 -10.77 12.32 -4.44
C ASP B 129 -10.08 11.38 -3.43
N MET B 130 -9.16 10.57 -3.91
CA MET B 130 -8.38 9.71 -3.01
C MET B 130 -7.57 10.52 -2.01
N LEU B 131 -6.92 11.59 -2.51
CA LEU B 131 -6.12 12.46 -1.67
C LEU B 131 -7.00 13.14 -0.61
N LEU B 132 -8.12 13.70 -1.06
CA LEU B 132 -9.05 14.35 -0.15
C LEU B 132 -9.56 13.41 0.95
N ALA B 133 -9.83 12.16 0.58
CA ALA B 133 -10.29 11.16 1.54
C ALA B 133 -9.20 10.86 2.58
N THR B 134 -7.96 10.79 2.12
CA THR B 134 -6.84 10.56 3.03
C THR B 134 -6.69 11.74 3.99
N SER B 135 -6.85 12.95 3.47
CA SER B 135 -6.76 14.14 4.30
C SER B 135 -7.81 14.10 5.40
N SER B 136 -9.05 13.78 5.01
CA SER B 136 -10.13 13.72 5.97
C SER B 136 -9.86 12.69 7.05
N ARG B 137 -9.35 11.52 6.64
CA ARG B 137 -9.04 10.46 7.58
C ARG B 137 -8.00 10.92 8.60
N PHE B 138 -6.96 11.58 8.12
CA PHE B 138 -5.92 12.10 9.00
C PHE B 138 -6.50 13.14 9.96
N ARG B 139 -7.39 13.98 9.45
CA ARG B 139 -7.98 15.00 10.30
C ARG B 139 -8.84 14.35 11.39
N MET B 140 -9.65 13.37 11.01
CA MET B 140 -10.52 12.71 11.98
C MET B 140 -9.73 11.91 13.01
N MET B 141 -8.50 11.54 12.66
CA MET B 141 -7.62 10.82 13.60
C MET B 141 -6.81 11.78 14.45
N ASN B 142 -6.89 13.07 14.14
CA ASN B 142 -6.09 14.07 14.83
CA ASN B 142 -6.10 14.06 14.83
C ASN B 142 -4.61 13.74 14.73
N LEU B 143 -4.14 13.49 13.51
CA LEU B 143 -2.72 13.21 13.27
C LEU B 143 -1.84 14.37 13.74
N GLN B 144 -0.82 14.05 14.53
CA GLN B 144 0.12 15.05 15.01
C GLN B 144 1.32 15.16 14.09
N GLY B 145 1.98 16.32 14.10
CA GLY B 145 3.15 16.54 13.26
C GLY B 145 4.28 15.58 13.56
N GLU B 146 4.40 15.18 14.82
CA GLU B 146 5.45 14.26 15.23
C GLU B 146 5.19 12.86 14.67
N GLU B 147 3.91 12.49 14.57
CA GLU B 147 3.53 11.22 13.99
C GLU B 147 3.70 11.28 12.47
N PHE B 148 3.31 12.41 11.89
CA PHE B 148 3.47 12.63 10.46
C PHE B 148 4.91 12.41 9.97
N VAL B 149 5.88 13.02 10.65
CA VAL B 149 7.27 12.89 10.20
C VAL B 149 7.78 11.45 10.36
N CYS B 150 7.26 10.73 11.34
CA CYS B 150 7.58 9.32 11.48
C CYS B 150 7.04 8.52 10.30
N LEU B 151 5.79 8.78 9.93
CA LEU B 151 5.15 8.05 8.83
C LEU B 151 5.87 8.31 7.53
N LYS B 152 6.28 9.56 7.32
CA LYS B 152 6.95 9.92 6.09
C LYS B 152 8.30 9.22 5.96
N SER B 153 9.02 9.09 7.07
CA SER B 153 10.30 8.40 7.06
CA SER B 153 10.30 8.40 7.07
C SER B 153 10.12 6.90 6.86
N ILE B 154 9.03 6.36 7.38
CA ILE B 154 8.72 4.93 7.21
C ILE B 154 8.52 4.62 5.73
N ILE B 155 7.81 5.51 5.04
CA ILE B 155 7.58 5.38 3.60
C ILE B 155 8.91 5.35 2.83
N LEU B 156 9.79 6.30 3.15
CA LEU B 156 11.10 6.36 2.51
C LEU B 156 11.87 5.05 2.65
N LEU B 157 11.88 4.51 3.86
CA LEU B 157 12.65 3.30 4.14
C LEU B 157 11.93 2.00 3.73
N ASN B 158 10.61 1.97 3.85
CA ASN B 158 9.84 0.75 3.60
C ASN B 158 9.50 0.45 2.14
N SER B 159 9.10 1.48 1.39
CA SER B 159 8.50 1.24 0.08
C SER B 159 9.36 0.40 -0.87
N GLY B 160 10.67 0.63 -0.86
CA GLY B 160 11.54 -0.07 -1.78
C GLY B 160 12.37 -1.19 -1.18
N VAL B 161 12.16 -1.47 0.10
CA VAL B 161 13.02 -2.41 0.81
C VAL B 161 12.92 -3.86 0.32
N TYR B 162 11.81 -4.21 -0.31
CA TYR B 162 11.58 -5.59 -0.76
C TYR B 162 11.82 -5.78 -2.25
N THR B 163 12.40 -4.76 -2.88
CA THR B 163 12.80 -4.87 -4.28
C THR B 163 14.33 -4.80 -4.36
N PHE B 164 14.97 -5.15 -3.26
CA PHE B 164 16.43 -5.25 -3.21
C PHE B 164 16.86 -6.68 -3.49
N LYS B 175 19.37 -5.31 3.99
CA LYS B 175 17.99 -5.22 4.47
C LYS B 175 17.96 -5.03 5.98
N ASP B 176 18.82 -5.75 6.68
CA ASP B 176 18.84 -5.75 8.14
C ASP B 176 18.88 -4.33 8.71
N HIS B 177 19.84 -3.54 8.24
CA HIS B 177 19.96 -2.15 8.67
C HIS B 177 18.64 -1.40 8.53
N ILE B 178 18.02 -1.52 7.36
CA ILE B 178 16.78 -0.80 7.09
C ILE B 178 15.67 -1.25 8.04
N HIS B 179 15.58 -2.54 8.28
CA HIS B 179 14.55 -3.07 9.17
C HIS B 179 14.78 -2.68 10.63
N ARG B 180 16.05 -2.62 11.04
CA ARG B 180 16.38 -2.14 12.37
C ARG B 180 15.97 -0.68 12.54
N VAL B 181 16.22 0.13 11.52
CA VAL B 181 15.81 1.54 11.58
C VAL B 181 14.29 1.65 11.60
N LEU B 182 13.61 0.85 10.79
CA LEU B 182 12.16 0.84 10.78
C LEU B 182 11.62 0.50 12.17
N ASP B 183 12.26 -0.46 12.83
CA ASP B 183 11.87 -0.82 14.20
C ASP B 183 12.04 0.37 15.14
N LYS B 184 13.14 1.11 14.95
CA LYS B 184 13.40 2.29 15.76
C LYS B 184 12.29 3.31 15.61
N ILE B 185 11.85 3.52 14.37
CA ILE B 185 10.77 4.48 14.12
C ILE B 185 9.44 4.01 14.72
N THR B 186 9.19 2.71 14.68
CA THR B 186 8.02 2.14 15.36
C THR B 186 8.08 2.44 16.85
N ASP B 187 9.24 2.20 17.45
CA ASP B 187 9.44 2.51 18.86
C ASP B 187 9.13 3.99 19.08
N THR B 188 9.56 4.82 18.14
CA THR B 188 9.38 6.25 18.26
C THR B 188 7.90 6.64 18.21
N LEU B 189 7.13 6.01 17.33
CA LEU B 189 5.71 6.28 17.23
C LEU B 189 4.98 5.93 18.52
N ILE B 190 5.26 4.74 19.05
CA ILE B 190 4.66 4.31 20.30
C ILE B 190 5.02 5.26 21.44
N HIS B 191 6.29 5.66 21.49
CA HIS B 191 6.78 6.65 22.44
C HIS B 191 5.96 7.93 22.42
N LEU B 192 5.67 8.41 21.22
CA LEU B 192 4.86 9.62 21.05
C LEU B 192 3.44 9.41 21.55
N MET B 193 2.88 8.23 21.31
CA MET B 193 1.51 7.94 21.73
C MET B 193 1.39 7.75 23.23
N ALA B 194 2.41 7.15 23.84
CA ALA B 194 2.45 7.01 25.29
C ALA B 194 2.61 8.38 25.93
N LYS B 195 3.46 9.20 25.33
CA LYS B 195 3.67 10.56 25.79
C LYS B 195 2.38 11.36 25.66
N ALA B 196 1.54 11.00 24.68
CA ALA B 196 0.30 11.70 24.45
C ALA B 196 -0.82 11.20 25.36
N GLY B 197 -0.49 10.22 26.20
CA GLY B 197 -1.42 9.74 27.22
C GLY B 197 -2.31 8.57 26.82
N LEU B 198 -2.07 8.01 25.64
CA LEU B 198 -2.88 6.88 25.18
C LEU B 198 -2.65 5.63 26.02
N THR B 199 -3.71 4.84 26.21
CA THR B 199 -3.59 3.57 26.91
C THR B 199 -2.93 2.53 26.01
N LEU B 200 -2.60 1.38 26.58
CA LEU B 200 -1.96 0.30 25.83
C LEU B 200 -2.75 -0.12 24.59
N GLN B 201 -4.05 -0.38 24.77
CA GLN B 201 -4.90 -0.80 23.66
C GLN B 201 -5.01 0.30 22.62
N GLN B 202 -5.07 1.54 23.08
CA GLN B 202 -5.16 2.68 22.16
C GLN B 202 -3.87 2.84 21.38
N GLN B 203 -2.76 2.51 22.01
CA GLN B 203 -1.45 2.62 21.36
C GLN B 203 -1.34 1.67 20.17
N HIS B 204 -1.58 0.38 20.37
CA HIS B 204 -1.45 -0.56 19.26
C HIS B 204 -2.54 -0.38 18.21
N GLN B 205 -3.75 -0.01 18.63
CA GLN B 205 -4.82 0.25 17.66
C GLN B 205 -4.49 1.44 16.77
N ARG B 206 -3.96 2.51 17.36
CA ARG B 206 -3.60 3.69 16.59
C ARG B 206 -2.40 3.41 15.67
N LEU B 207 -1.45 2.63 16.17
CA LEU B 207 -0.29 2.26 15.35
C LEU B 207 -0.77 1.53 14.10
N ALA B 208 -1.74 0.64 14.27
CA ALA B 208 -2.29 -0.13 13.15
C ALA B 208 -3.03 0.78 12.19
N GLN B 209 -3.88 1.66 12.73
CA GLN B 209 -4.66 2.56 11.89
C GLN B 209 -3.75 3.41 11.00
N LEU B 210 -2.70 3.96 11.59
CA LEU B 210 -1.77 4.81 10.84
C LEU B 210 -1.03 4.04 9.75
N LEU B 211 -0.52 2.86 10.10
CA LEU B 211 0.22 2.05 9.14
C LEU B 211 -0.66 1.53 8.00
N LEU B 212 -1.92 1.24 8.29
CA LEU B 212 -2.85 0.80 7.26
C LEU B 212 -3.11 1.89 6.22
N ILE B 213 -2.97 3.15 6.62
CA ILE B 213 -3.17 4.24 5.68
C ILE B 213 -2.05 4.25 4.65
N LEU B 214 -0.88 3.75 5.03
CA LEU B 214 0.26 3.68 4.11
C LEU B 214 -0.04 2.80 2.90
N SER B 215 -0.95 1.85 3.09
CA SER B 215 -1.41 1.01 1.98
C SER B 215 -2.17 1.83 0.95
N HIS B 216 -3.01 2.74 1.43
CA HIS B 216 -3.78 3.62 0.55
CA HIS B 216 -3.77 3.61 0.55
C HIS B 216 -2.85 4.63 -0.13
N ILE B 217 -1.87 5.13 0.61
CA ILE B 217 -0.90 6.05 0.04
C ILE B 217 -0.11 5.38 -1.09
N ARG B 218 0.27 4.12 -0.88
CA ARG B 218 0.91 3.37 -1.94
C ARG B 218 0.00 3.29 -3.15
N HIS B 219 -1.28 3.00 -2.91
CA HIS B 219 -2.24 2.85 -3.99
C HIS B 219 -2.36 4.15 -4.79
N MET B 220 -2.45 5.27 -4.09
CA MET B 220 -2.55 6.56 -4.77
C MET B 220 -1.32 6.85 -5.61
N SER B 221 -0.15 6.49 -5.10
CA SER B 221 1.11 6.70 -5.82
CA SER B 221 1.09 6.74 -5.84
C SER B 221 1.12 5.92 -7.12
N ASN B 222 0.66 4.67 -7.04
CA ASN B 222 0.62 3.83 -8.23
C ASN B 222 -0.29 4.42 -9.29
N LYS B 223 -1.49 4.85 -8.88
CA LYS B 223 -2.43 5.48 -9.81
C LYS B 223 -1.90 6.80 -10.36
N GLY B 224 -1.27 7.59 -9.49
CA GLY B 224 -0.66 8.84 -9.90
C GLY B 224 0.46 8.62 -10.89
N MET B 225 1.23 7.57 -10.68
CA MET B 225 2.36 7.27 -11.58
C MET B 225 1.85 6.97 -12.97
N GLU B 226 0.73 6.25 -13.05
CA GLU B 226 0.11 5.96 -14.33
C GLU B 226 -0.35 7.25 -15.01
N HIS B 227 -0.95 8.14 -14.22
CA HIS B 227 -1.41 9.41 -14.75
C HIS B 227 -0.25 10.23 -15.30
N LEU B 228 0.88 10.20 -14.59
CA LEU B 228 2.06 10.97 -14.98
C LEU B 228 2.66 10.43 -16.27
N TYR B 229 2.60 9.11 -16.43
CA TYR B 229 3.13 8.46 -17.62
C TYR B 229 2.32 8.84 -18.85
N SER B 230 1.01 8.92 -18.69
CA SER B 230 0.13 9.32 -19.78
C SER B 230 0.39 10.79 -20.13
N MET B 231 0.48 11.63 -19.09
CA MET B 231 0.83 13.04 -19.28
C MET B 231 2.12 13.15 -20.06
N LYS B 232 3.03 12.21 -19.83
CA LYS B 232 4.31 12.19 -20.53
C LYS B 232 4.11 11.89 -22.02
N LYS B 234 1.46 12.20 -23.76
CA LYS B 234 0.65 13.24 -24.39
C LYS B 234 1.56 14.38 -24.83
N ASN B 235 2.70 14.49 -24.15
CA ASN B 235 3.73 15.47 -24.49
C ASN B 235 3.21 16.91 -24.56
N VAL B 236 2.21 17.23 -23.74
CA VAL B 236 1.67 18.58 -23.70
C VAL B 236 2.45 19.45 -22.71
N VAL B 237 2.63 18.94 -21.50
CA VAL B 237 3.41 19.63 -20.48
C VAL B 237 4.84 19.12 -20.45
N PRO B 238 5.81 20.04 -20.55
CA PRO B 238 7.22 19.65 -20.46
C PRO B 238 7.56 19.13 -19.06
N LEU B 239 8.32 18.06 -19.00
CA LEU B 239 8.78 17.53 -17.72
C LEU B 239 10.27 17.76 -17.57
N SER B 240 10.69 18.10 -16.37
CA SER B 240 12.11 18.25 -16.10
C SER B 240 12.79 16.91 -16.30
N ASP B 241 14.09 16.95 -16.58
CA ASP B 241 14.87 15.72 -16.69
C ASP B 241 14.81 14.93 -15.39
N LEU B 242 14.78 15.65 -14.27
CA LEU B 242 14.73 15.00 -12.96
C LEU B 242 13.43 14.22 -12.81
N LEU B 243 12.31 14.88 -13.06
CA LEU B 243 11.00 14.26 -12.92
C LEU B 243 10.89 13.10 -13.90
N LEU B 244 11.45 13.28 -15.09
CA LEU B 244 11.45 12.23 -16.10
C LEU B 244 12.20 10.99 -15.64
N GLU B 245 13.34 11.20 -14.99
CA GLU B 245 14.14 10.07 -14.52
C GLU B 245 13.48 9.35 -13.34
N MET B 246 12.83 10.12 -12.47
CA MET B 246 12.09 9.53 -11.35
C MET B 246 10.90 8.70 -11.85
N LEU B 247 10.21 9.22 -12.86
CA LEU B 247 9.07 8.51 -13.44
C LEU B 247 9.52 7.26 -14.18
N ASP B 248 10.58 7.38 -14.96
CA ASP B 248 11.08 6.26 -15.77
C ASP B 248 11.53 5.10 -14.89
N ALA B 249 11.87 5.38 -13.64
CA ALA B 249 12.32 4.35 -12.71
C ALA B 249 11.21 3.35 -12.41
N HIS B 250 9.97 3.74 -12.68
CA HIS B 250 8.82 2.89 -12.38
C HIS B 250 8.37 2.08 -13.60
N ARG B 251 9.19 2.08 -14.64
CA ARG B 251 8.97 1.24 -15.81
C ARG B 251 7.56 1.41 -16.39
N LYS C 3 -24.17 -8.56 -13.17
CA LYS C 3 -22.94 -8.39 -12.39
C LYS C 3 -22.59 -9.68 -11.65
N ILE C 4 -21.65 -10.44 -12.19
CA ILE C 4 -21.33 -11.77 -11.66
C ILE C 4 -21.01 -11.77 -10.17
N LEU C 5 -20.09 -10.91 -9.76
CA LEU C 5 -19.70 -10.84 -8.35
C LEU C 5 -20.91 -10.52 -7.48
N HIS C 6 -21.76 -9.63 -7.97
CA HIS C 6 -22.96 -9.23 -7.26
C HIS C 6 -23.88 -10.42 -7.00
N ARG C 7 -24.02 -11.27 -8.01
CA ARG C 7 -24.90 -12.43 -7.93
C ARG C 7 -24.35 -13.49 -6.98
N LEU C 8 -23.06 -13.81 -7.14
CA LEU C 8 -22.41 -14.80 -6.29
C LEU C 8 -22.46 -14.41 -4.82
N LEU C 9 -22.46 -13.12 -4.53
CA LEU C 9 -22.57 -12.66 -3.16
C LEU C 9 -23.97 -12.90 -2.60
N GLN C 10 -24.95 -13.04 -3.49
CA GLN C 10 -26.33 -13.28 -3.08
C GLN C 10 -26.63 -14.75 -2.74
N GLU C 11 -26.32 -15.66 -3.65
CA GLU C 11 -26.55 -17.08 -3.38
C GLU C 11 -25.43 -17.66 -2.52
N HIS D 2 24.74 8.01 -14.25
CA HIS D 2 24.48 9.17 -15.08
C HIS D 2 23.24 9.91 -14.61
N LYS D 3 22.44 9.23 -13.80
CA LYS D 3 21.20 9.81 -13.27
C LYS D 3 21.46 11.09 -12.49
N ILE D 4 20.56 12.06 -12.66
CA ILE D 4 20.63 13.32 -11.94
C ILE D 4 20.52 13.12 -10.43
N LEU D 5 19.68 12.18 -10.03
CA LEU D 5 19.50 11.86 -8.62
C LEU D 5 20.84 11.47 -7.98
N HIS D 6 21.68 10.75 -8.71
CA HIS D 6 23.01 10.38 -8.22
C HIS D 6 23.76 11.64 -7.82
N ARG D 7 23.78 12.61 -8.73
CA ARG D 7 24.51 13.85 -8.50
C ARG D 7 23.93 14.62 -7.32
N LEU D 8 22.60 14.69 -7.23
CA LEU D 8 21.96 15.44 -6.17
C LEU D 8 22.19 14.82 -4.80
N LEU D 9 22.19 13.49 -4.76
CA LEU D 9 22.45 12.77 -3.51
C LEU D 9 23.88 12.99 -3.01
N GLN D 10 24.78 13.33 -3.92
CA GLN D 10 26.18 13.55 -3.57
C GLN D 10 26.49 15.03 -3.32
N GLU D 11 25.63 15.90 -3.86
CA GLU D 11 25.82 17.33 -3.75
C GLU D 11 25.26 17.85 -2.42
#